data_8UZC
#
_entry.id   8UZC
#
_cell.length_a   1.00
_cell.length_b   1.00
_cell.length_c   1.00
_cell.angle_alpha   90.00
_cell.angle_beta   90.00
_cell.angle_gamma   90.00
#
_symmetry.space_group_name_H-M   'P 1'
#
loop_
_entity.id
_entity.type
_entity.pdbx_description
1 polymer 'UT14 Fab heavy chain'
2 polymer 'UT14 Fab light chain'
3 polymer Hemagglutinin
#
loop_
_entity_poly.entity_id
_entity_poly.type
_entity_poly.pdbx_seq_one_letter_code
_entity_poly.pdbx_strand_id
1 'polypeptide(L)'
;QVQLVESGGGVVQPGRSLRLSCATSGFTFSSYGIHWVRQAPGKGLGWVAMISFDGSKTYYADSVRGRFTISRDNSKNTLS
LQMNSLRTEDTAVYYCAKERDRDGYNEGIYDYWGQGTLVTVSSASTKGPSVFPLAPSSKSTSGGTAALGCLVKDYFPEPV
TVSWNSGALTSGVHTFPAVLQSSGLYSLSSVVTVPSSSLGTQTYICNVNHKPSNTKVDKKVEPKSCD
;
H
2 'polypeptide(L)'
;EIVMTQSPATLSLSPGERATLSCRASQSAGFYLAWYQQKPGQAPRLLIYDTSNRATGIPARFSGRGSGTDFTLTINSLEP
EDFAVYYCQQRYNWPITFGQGTRLEIKRTVAAPSVFIFPPSDEQLKSGTASVVCLLNNFYPREAKVQWKVDNALQSGNSQ
ESVTEQDSKDSTYSLSSTLTLSKADYEKHKVYACEVTHQGLSSPVTKSFNRGEC
;
L
3 'polypeptide(L)'
;MKTIIALSYILCLVFAQKIPGNDNSTATLCLGHHAVPNGTIVKTITNDRIEVTNATELVQNSSIGEICDSPHQILDGENC
TLIDALLGDPQCDGFQNKKWDLFVERSKAYSNCYPYDVPDYASLRSLVASSGTLEFKNESFNWTGVTQNGTSSACIRGSS
SSFFSRLNWLTHLNYTYPALNVTMPNKEQFDKLYIWGVHHPGTDKDQIFLYAQSSGRITVSTKRSQQAVIPNIGSRPRIR
DIPSRISIYWTIVKPGDILLINSTGNLIAPRGYFKIRSGKSSIMRSDAPIGKCKSECITPNGSIPNDKPFQNVNRITYGA
CPRYVKHSTLKLATGMRNVPEKQTRGIFGAIAGFIENGWEGMVDGWYGFRHQNSEGRGQAADLKSTQAAIDQINGKLNRL
IGKTNEKFHQIEKEFSEVEGRVQDLEKYVEDTKIDLWSYNAELLVALENQHTIDLTDSEMNKLFEKTKKQLRENAEDMGN
GCFKIYHKCDNACIESIRNETYDHNVYRDEALNNRFQIKGVELKSGYKDGSGYIPEAPRDGQAYVRKDGEWVLLSTFLGS
GLNDIFEAQKIEWHEGSHHHHHH
;
A
#
# COMPACT_ATOMS: atom_id res chain seq x y z
N GLN A 1 20.03 -14.00 -19.22
CA GLN A 1 18.96 -13.39 -18.44
C GLN A 1 19.27 -13.54 -16.95
N VAL A 2 18.73 -12.62 -16.14
CA VAL A 2 18.98 -12.64 -14.71
C VAL A 2 18.59 -14.00 -14.13
N GLN A 3 19.39 -14.48 -13.18
CA GLN A 3 19.12 -15.76 -12.55
C GLN A 3 19.73 -15.77 -11.16
N LEU A 4 19.10 -16.51 -10.26
CA LEU A 4 19.50 -16.58 -8.85
C LEU A 4 19.62 -18.03 -8.42
N VAL A 5 20.68 -18.33 -7.66
CA VAL A 5 20.93 -19.68 -7.17
C VAL A 5 21.19 -19.61 -5.67
N GLU A 6 20.54 -20.49 -4.91
CA GLU A 6 20.78 -20.61 -3.48
C GLU A 6 21.65 -21.83 -3.20
N SER A 7 22.49 -21.74 -2.17
CA SER A 7 23.42 -22.80 -1.85
C SER A 7 23.66 -22.82 -0.35
N GLY A 8 24.34 -23.88 0.11
CA GLY A 8 24.73 -24.00 1.48
C GLY A 8 23.73 -24.67 2.39
N GLY A 9 22.54 -25.01 1.89
CA GLY A 9 21.53 -25.63 2.71
C GLY A 9 21.89 -27.07 3.04
N GLY A 10 21.07 -27.66 3.91
CA GLY A 10 21.26 -29.04 4.29
C GLY A 10 20.86 -29.36 5.72
N VAL A 11 21.71 -30.11 6.42
CA VAL A 11 21.44 -30.57 7.78
C VAL A 11 22.49 -29.98 8.71
N VAL A 12 22.04 -29.35 9.79
CA VAL A 12 22.93 -28.77 10.79
C VAL A 12 22.29 -28.88 12.16
N GLN A 13 23.10 -29.17 13.15
CA GLN A 13 22.59 -29.30 14.52
C GLN A 13 22.09 -27.95 15.01
N PRO A 14 21.05 -27.92 15.85
CA PRO A 14 20.56 -26.63 16.36
C PRO A 14 21.68 -25.85 17.04
N GLY A 15 21.73 -24.55 16.78
CA GLY A 15 22.70 -23.68 17.39
C GLY A 15 24.03 -23.57 16.66
N ARG A 16 24.22 -24.34 15.60
CA ARG A 16 25.49 -24.27 14.87
C ARG A 16 25.42 -23.19 13.79
N SER A 17 26.55 -22.52 13.58
CA SER A 17 26.61 -21.43 12.62
C SER A 17 26.38 -21.93 11.21
N LEU A 18 25.65 -21.14 10.42
CA LEU A 18 25.32 -21.49 9.05
C LEU A 18 25.28 -20.23 8.21
N ARG A 19 25.64 -20.37 6.92
CA ARG A 19 25.76 -19.21 6.04
C ARG A 19 25.39 -19.65 4.62
N LEU A 20 24.19 -19.30 4.18
CA LEU A 20 23.83 -19.47 2.78
C LEU A 20 24.53 -18.43 1.91
N SER A 21 24.66 -18.74 0.63
CA SER A 21 25.15 -17.80 -0.37
C SER A 21 24.20 -17.79 -1.55
N CYS A 22 23.80 -16.59 -1.96
CA CYS A 22 22.91 -16.41 -3.12
C CYS A 22 23.64 -15.50 -4.11
N ALA A 23 24.28 -16.10 -5.10
CA ALA A 23 24.93 -15.32 -6.15
C ALA A 23 23.91 -14.89 -7.20
N THR A 24 24.29 -13.90 -8.00
CA THR A 24 23.42 -13.35 -9.03
C THR A 24 24.21 -13.13 -10.31
N SER A 25 23.49 -13.08 -11.42
CA SER A 25 24.09 -12.86 -12.73
C SER A 25 23.08 -12.17 -13.62
N GLY A 26 23.57 -11.54 -14.69
CA GLY A 26 22.72 -10.89 -15.66
C GLY A 26 22.39 -9.45 -15.37
N PHE A 27 22.83 -8.91 -14.22
CA PHE A 27 22.59 -7.51 -13.89
C PHE A 27 23.60 -7.07 -12.85
N THR A 28 23.78 -5.76 -12.73
CA THR A 28 24.66 -5.21 -11.71
C THR A 28 23.99 -5.33 -10.35
N PHE A 29 24.69 -5.98 -9.40
CA PHE A 29 24.06 -6.35 -8.14
C PHE A 29 23.58 -5.14 -7.34
N SER A 30 24.19 -3.98 -7.53
CA SER A 30 23.74 -2.78 -6.82
C SER A 30 22.43 -2.24 -7.37
N SER A 31 21.94 -2.81 -8.48
CA SER A 31 20.75 -2.28 -9.13
C SER A 31 19.47 -2.57 -8.38
N TYR A 32 19.48 -3.49 -7.41
CA TYR A 32 18.25 -3.88 -6.73
C TYR A 32 18.58 -4.20 -5.29
N GLY A 33 17.54 -4.18 -4.45
CA GLY A 33 17.68 -4.61 -3.08
C GLY A 33 17.30 -6.07 -2.93
N ILE A 34 18.12 -6.82 -2.16
CA ILE A 34 17.98 -8.27 -2.11
C ILE A 34 17.09 -8.64 -0.93
N HIS A 35 16.53 -9.85 -0.98
CA HIS A 35 15.64 -10.32 0.07
C HIS A 35 15.88 -11.80 0.33
N TRP A 36 15.20 -12.32 1.35
CA TRP A 36 15.16 -13.75 1.63
C TRP A 36 13.77 -14.12 2.13
N VAL A 37 13.24 -15.23 1.62
CA VAL A 37 11.91 -15.69 1.98
C VAL A 37 11.95 -17.20 2.18
N ARG A 38 11.16 -17.69 3.14
CA ARG A 38 11.18 -19.09 3.50
C ARG A 38 9.77 -19.65 3.57
N GLN A 39 9.70 -20.98 3.55
CA GLN A 39 8.44 -21.72 3.72
C GLN A 39 8.79 -23.10 4.24
N ALA A 40 8.25 -23.46 5.39
CA ALA A 40 8.43 -24.81 5.89
C ALA A 40 7.50 -25.76 5.14
N PRO A 41 7.84 -27.05 5.09
CA PRO A 41 6.98 -28.01 4.37
C PRO A 41 5.52 -27.90 4.77
N GLY A 42 4.67 -27.51 3.83
CA GLY A 42 3.24 -27.53 4.06
C GLY A 42 2.65 -26.30 4.73
N LYS A 43 3.45 -25.26 4.95
CA LYS A 43 2.96 -24.03 5.56
C LYS A 43 3.07 -22.86 4.58
N GLY A 44 2.55 -21.71 5.00
CA GLY A 44 2.62 -20.50 4.21
C GLY A 44 3.98 -19.84 4.29
N LEU A 45 4.23 -18.94 3.34
CA LEU A 45 5.52 -18.30 3.23
C LEU A 45 5.83 -17.48 4.48
N GLY A 46 7.07 -17.00 4.56
CA GLY A 46 7.48 -16.10 5.62
C GLY A 46 8.72 -15.33 5.19
N TRP A 47 8.87 -14.16 5.80
CA TRP A 47 9.97 -13.25 5.49
C TRP A 47 11.15 -13.51 6.41
N VAL A 48 12.35 -13.23 5.90
CA VAL A 48 13.58 -13.55 6.63
C VAL A 48 14.45 -12.32 6.84
N ALA A 49 14.92 -11.71 5.74
CA ALA A 49 15.90 -10.63 5.85
C ALA A 49 15.71 -9.59 4.75
N MET A 50 16.67 -8.67 4.61
CA MET A 50 16.67 -7.72 3.52
C MET A 50 17.89 -6.82 3.52
N ILE A 51 18.31 -6.40 2.32
CA ILE A 51 19.21 -5.27 2.14
C ILE A 51 18.46 -4.27 1.25
N SER A 52 18.50 -3.00 1.63
CA SER A 52 17.54 -2.07 1.05
C SER A 52 17.86 -1.77 -0.41
N PHE A 53 19.08 -1.24 -0.58
CA PHE A 53 19.52 -0.94 -1.92
C PHE A 53 20.94 -1.26 -2.06
N ASP A 54 21.78 -0.42 -1.54
CA ASP A 54 23.19 -0.59 -1.80
C ASP A 54 23.88 -0.90 -0.55
N GLY A 55 23.25 -1.70 0.27
CA GLY A 55 23.95 -2.15 1.44
C GLY A 55 24.34 -1.18 2.50
N SER A 56 23.39 -0.39 2.97
CA SER A 56 23.67 0.48 4.09
C SER A 56 22.68 0.19 5.13
N LYS A 57 21.85 -0.80 4.92
CA LYS A 57 20.76 -1.04 5.86
C LYS A 57 20.35 -2.49 5.81
N THR A 58 19.70 -2.94 6.88
CA THR A 58 19.17 -4.29 6.99
C THR A 58 17.95 -4.27 7.90
N TYR A 59 17.00 -5.16 7.61
CA TYR A 59 15.77 -5.23 8.42
C TYR A 59 15.25 -6.67 8.37
N TYR A 60 15.30 -7.35 9.51
CA TYR A 60 14.82 -8.73 9.61
C TYR A 60 13.37 -8.80 10.08
N ALA A 61 12.91 -10.00 10.42
CA ALA A 61 11.53 -10.23 10.83
C ALA A 61 11.43 -10.42 12.33
N ASP A 62 10.23 -10.73 12.83
CA ASP A 62 9.98 -10.86 14.25
C ASP A 62 10.63 -12.11 14.84
N SER A 63 10.21 -13.28 14.37
CA SER A 63 10.61 -14.53 15.01
C SER A 63 12.11 -14.74 14.96
N VAL A 64 12.80 -14.07 14.01
CA VAL A 64 14.22 -14.29 13.83
C VAL A 64 15.00 -13.00 14.02
N ARG A 65 14.43 -12.05 14.74
CA ARG A 65 15.07 -10.74 14.88
C ARG A 65 16.42 -10.88 15.58
N GLY A 66 17.42 -10.17 15.06
CA GLY A 66 18.71 -10.08 15.70
C GLY A 66 19.64 -11.25 15.46
N ARG A 67 19.07 -12.43 15.21
CA ARG A 67 19.91 -13.62 15.07
C ARG A 67 20.81 -13.58 13.85
N PHE A 68 20.32 -13.07 12.73
CA PHE A 68 20.99 -13.20 11.45
C PHE A 68 21.75 -11.93 11.09
N THR A 69 22.70 -12.07 10.18
CA THR A 69 23.54 -10.97 9.71
C THR A 69 23.64 -11.06 8.18
N ILE A 70 22.69 -10.43 7.50
CA ILE A 70 22.72 -10.41 6.03
C ILE A 70 23.69 -9.34 5.57
N SER A 71 24.58 -9.70 4.65
CA SER A 71 25.64 -8.79 4.21
C SER A 71 25.98 -9.09 2.77
N ARG A 72 26.64 -8.14 2.12
CA ARG A 72 27.01 -8.28 0.72
C ARG A 72 28.28 -7.49 0.44
N ASP A 73 28.92 -7.83 -0.67
CA ASP A 73 30.11 -7.13 -1.15
C ASP A 73 29.85 -6.69 -2.58
N ASN A 74 29.72 -5.37 -2.80
CA ASN A 74 29.37 -4.86 -4.11
C ASN A 74 30.49 -5.08 -5.13
N SER A 75 31.73 -5.28 -4.68
CA SER A 75 32.84 -5.45 -5.61
C SER A 75 32.93 -6.87 -6.18
N LYS A 76 32.08 -7.79 -5.72
CA LYS A 76 32.09 -9.16 -6.21
C LYS A 76 30.70 -9.67 -6.57
N ASN A 77 29.65 -8.89 -6.29
CA ASN A 77 28.28 -9.31 -6.58
C ASN A 77 27.96 -10.65 -5.90
N THR A 78 27.96 -10.67 -4.58
CA THR A 78 27.67 -11.87 -3.80
C THR A 78 26.84 -11.50 -2.59
N LEU A 79 25.82 -12.31 -2.31
CA LEU A 79 24.98 -12.14 -1.13
C LEU A 79 25.23 -13.26 -0.14
N SER A 80 24.98 -12.98 1.13
CA SER A 80 25.13 -13.96 2.19
C SER A 80 24.15 -13.65 3.30
N LEU A 81 23.61 -14.71 3.91
CA LEU A 81 22.73 -14.59 5.07
C LEU A 81 23.40 -15.36 6.21
N GLN A 82 24.34 -14.69 6.89
CA GLN A 82 24.99 -15.32 8.02
C GLN A 82 23.96 -15.67 9.08
N MET A 83 24.01 -16.90 9.55
CA MET A 83 23.00 -17.43 10.46
C MET A 83 23.65 -17.88 11.75
N ASN A 84 23.00 -17.55 12.87
CA ASN A 84 23.46 -17.94 14.20
C ASN A 84 22.27 -18.42 15.02
N SER A 85 22.55 -19.37 15.91
CA SER A 85 21.55 -19.86 16.87
C SER A 85 20.31 -20.39 16.15
N LEU A 86 20.52 -21.44 15.36
CA LEU A 86 19.41 -22.09 14.69
C LEU A 86 18.52 -22.79 15.69
N ARG A 87 17.23 -22.90 15.37
CA ARG A 87 16.25 -23.49 16.27
C ARG A 87 15.30 -24.36 15.48
N THR A 88 14.55 -25.21 16.19
CA THR A 88 13.74 -26.24 15.55
C THR A 88 12.61 -25.67 14.69
N GLU A 89 12.31 -24.39 14.82
CA GLU A 89 11.26 -23.79 13.99
C GLU A 89 11.77 -23.38 12.61
N ASP A 90 13.07 -23.54 12.33
CA ASP A 90 13.67 -23.05 11.10
C ASP A 90 13.83 -24.13 10.04
N THR A 91 12.97 -25.15 10.01
CA THR A 91 13.01 -26.14 8.94
C THR A 91 12.17 -25.63 7.78
N ALA A 92 12.83 -25.31 6.66
CA ALA A 92 12.13 -24.71 5.53
C ALA A 92 13.09 -24.53 4.37
N VAL A 93 12.52 -24.23 3.20
CA VAL A 93 13.30 -23.86 2.03
C VAL A 93 13.53 -22.35 2.06
N TYR A 94 14.74 -21.92 1.68
CA TYR A 94 15.10 -20.50 1.70
C TYR A 94 15.31 -20.03 0.27
N TYR A 95 14.47 -19.10 -0.18
CA TYR A 95 14.64 -18.43 -1.47
C TYR A 95 15.37 -17.11 -1.26
N CYS A 96 16.13 -16.69 -2.26
CA CYS A 96 16.66 -15.33 -2.30
C CYS A 96 15.99 -14.59 -3.45
N ALA A 97 15.11 -13.66 -3.10
CA ALA A 97 14.24 -13.02 -4.08
C ALA A 97 14.63 -11.56 -4.24
N LYS A 98 14.46 -11.05 -5.45
CA LYS A 98 14.72 -9.67 -5.78
C LYS A 98 13.39 -8.93 -5.91
N GLU A 99 13.46 -7.68 -6.36
CA GLU A 99 12.29 -6.81 -6.40
C GLU A 99 12.18 -6.19 -7.79
N ARG A 100 11.10 -5.45 -7.99
CA ARG A 100 10.72 -4.95 -9.32
C ARG A 100 11.02 -3.46 -9.50
N ASP A 101 12.10 -2.94 -8.92
CA ASP A 101 12.48 -1.56 -9.17
C ASP A 101 13.84 -1.25 -8.56
N ARG A 102 14.57 -0.31 -9.17
CA ARG A 102 15.98 -0.11 -8.85
C ARG A 102 16.18 0.92 -7.75
N ASP A 103 17.23 0.71 -6.95
CA ASP A 103 17.68 1.66 -5.93
C ASP A 103 16.74 1.69 -4.74
N GLY A 104 15.60 1.03 -4.85
CA GLY A 104 14.62 1.02 -3.79
C GLY A 104 13.57 2.07 -4.09
N TYR A 105 12.44 1.66 -4.66
CA TYR A 105 11.39 2.60 -5.02
C TYR A 105 10.02 2.01 -4.75
N ASN A 106 9.95 0.69 -4.63
CA ASN A 106 8.69 0.03 -4.28
C ASN A 106 8.91 -1.14 -3.33
N GLU A 107 10.05 -1.16 -2.64
CA GLU A 107 10.49 -2.31 -1.85
C GLU A 107 9.33 -3.02 -1.17
N GLY A 108 9.30 -4.35 -1.29
CA GLY A 108 8.17 -5.15 -0.88
C GLY A 108 7.48 -5.86 -2.03
N ILE A 109 7.97 -5.69 -3.25
CA ILE A 109 7.43 -6.32 -4.44
C ILE A 109 8.53 -7.20 -5.01
N TYR A 110 8.26 -8.50 -5.13
CA TYR A 110 9.23 -9.46 -5.65
C TYR A 110 8.76 -10.02 -6.98
N ASP A 111 9.66 -10.03 -7.97
CA ASP A 111 9.39 -10.62 -9.27
C ASP A 111 10.36 -11.73 -9.64
N TYR A 112 11.60 -11.69 -9.15
CA TYR A 112 12.62 -12.67 -9.49
C TYR A 112 12.94 -13.52 -8.28
N TRP A 113 13.16 -14.81 -8.50
CA TRP A 113 13.47 -15.74 -7.41
C TRP A 113 14.52 -16.73 -7.88
N GLY A 114 15.17 -17.37 -6.90
CA GLY A 114 15.94 -18.57 -7.16
C GLY A 114 15.07 -19.79 -6.98
N GLN A 115 15.71 -20.96 -7.02
CA GLN A 115 14.98 -22.22 -6.84
C GLN A 115 14.61 -22.47 -5.40
N GLY A 116 15.45 -22.03 -4.47
CA GLY A 116 15.18 -22.24 -3.05
C GLY A 116 15.99 -23.38 -2.48
N THR A 117 16.79 -23.10 -1.46
CA THR A 117 17.65 -24.08 -0.82
C THR A 117 16.99 -24.60 0.45
N LEU A 118 17.15 -25.88 0.71
CA LEU A 118 16.56 -26.51 1.89
C LEU A 118 17.56 -26.48 3.05
N VAL A 119 17.09 -26.00 4.20
CA VAL A 119 17.88 -25.99 5.43
C VAL A 119 17.09 -26.78 6.48
N THR A 120 17.75 -27.76 7.09
CA THR A 120 17.14 -28.66 8.06
C THR A 120 17.95 -28.65 9.35
N VAL A 121 17.24 -28.55 10.48
CA VAL A 121 17.86 -28.55 11.79
C VAL A 121 17.25 -29.70 12.59
N SER A 122 18.10 -30.53 13.18
CA SER A 122 17.67 -31.64 14.01
C SER A 122 18.90 -32.24 14.67
N SER A 123 18.68 -33.28 15.47
CA SER A 123 19.76 -33.96 16.14
C SER A 123 20.82 -34.41 15.15
N GLU B 1 3.37 -5.80 12.95
CA GLU B 1 2.96 -6.69 11.87
C GLU B 1 1.52 -7.11 12.05
N ILE B 2 0.79 -7.21 10.94
CA ILE B 2 -0.63 -7.54 10.97
C ILE B 2 -0.80 -9.04 10.80
N VAL B 3 -1.83 -9.58 11.44
CA VAL B 3 -2.18 -10.99 11.33
C VAL B 3 -3.10 -11.11 10.13
N MET B 4 -2.55 -11.52 8.99
CA MET B 4 -3.30 -11.57 7.74
C MET B 4 -3.93 -12.94 7.58
N THR B 5 -5.26 -12.98 7.55
CA THR B 5 -6.01 -14.19 7.27
C THR B 5 -6.37 -14.24 5.79
N GLN B 6 -6.77 -15.42 5.33
CA GLN B 6 -7.17 -15.62 3.94
C GLN B 6 -8.44 -16.46 3.91
N SER B 7 -8.95 -16.69 2.70
CA SER B 7 -10.12 -17.53 2.49
C SER B 7 -9.81 -18.92 3.01
N PRO B 8 -10.81 -19.81 3.11
CA PRO B 8 -10.54 -21.19 3.52
C PRO B 8 -9.32 -21.75 2.80
N ALA B 9 -8.54 -22.59 3.49
CA ALA B 9 -7.25 -23.02 2.96
C ALA B 9 -7.38 -23.72 1.62
N THR B 10 -8.57 -24.26 1.30
CA THR B 10 -8.78 -24.96 0.05
C THR B 10 -10.17 -24.61 -0.49
N LEU B 11 -10.21 -24.16 -1.74
CA LEU B 11 -11.46 -23.93 -2.45
C LEU B 11 -11.44 -24.75 -3.73
N SER B 12 -12.44 -25.64 -3.86
CA SER B 12 -12.53 -26.55 -5.00
C SER B 12 -13.56 -26.02 -5.98
N LEU B 13 -13.15 -25.82 -7.23
CA LEU B 13 -14.03 -25.30 -8.25
C LEU B 13 -13.63 -25.91 -9.60
N SER B 14 -14.60 -25.97 -10.51
CA SER B 14 -14.32 -26.51 -11.84
C SER B 14 -13.77 -25.41 -12.75
N PRO B 15 -12.96 -25.75 -13.74
CA PRO B 15 -12.45 -24.72 -14.65
C PRO B 15 -13.58 -23.98 -15.33
N GLY B 16 -13.40 -22.66 -15.50
CA GLY B 16 -14.37 -21.81 -16.14
C GLY B 16 -15.34 -21.13 -15.18
N GLU B 17 -15.46 -21.64 -13.95
CA GLU B 17 -16.38 -21.05 -13.00
C GLU B 17 -15.78 -19.79 -12.38
N ARG B 18 -16.62 -19.04 -11.68
CA ARG B 18 -16.20 -17.83 -11.01
C ARG B 18 -15.74 -18.14 -9.58
N ALA B 19 -14.69 -17.44 -9.15
CA ALA B 19 -14.11 -17.67 -7.83
C ALA B 19 -13.77 -16.34 -7.18
N THR B 20 -13.74 -16.35 -5.86
CA THR B 20 -13.41 -15.16 -5.07
C THR B 20 -12.46 -15.56 -3.95
N LEU B 21 -11.44 -14.73 -3.71
CA LEU B 21 -10.46 -14.97 -2.66
C LEU B 21 -10.43 -13.76 -1.73
N SER B 22 -10.42 -14.04 -0.42
CA SER B 22 -10.45 -13.00 0.59
C SER B 22 -9.16 -13.01 1.41
N CYS B 23 -8.74 -11.81 1.84
CA CYS B 23 -7.56 -11.67 2.67
C CYS B 23 -7.79 -10.68 3.81
N ARG B 24 -8.92 -10.81 4.50
CA ARG B 24 -9.20 -9.93 5.64
C ARG B 24 -8.03 -9.98 6.63
N ALA B 25 -7.45 -8.82 6.90
CA ALA B 25 -6.24 -8.75 7.72
C ALA B 25 -6.54 -8.33 9.15
N SER B 26 -7.29 -7.23 9.31
CA SER B 26 -7.60 -6.63 10.61
C SER B 26 -7.53 -7.61 11.78
N GLY B 30 -5.02 -1.02 3.52
CA GLY B 30 -5.86 -0.57 2.42
C GLY B 30 -5.18 -0.64 1.06
N PHE B 31 -3.85 -0.59 1.07
CA PHE B 31 -3.06 -0.60 -0.15
C PHE B 31 -1.81 -1.44 0.06
N TYR B 32 -1.16 -1.81 -1.05
CA TYR B 32 0.08 -2.57 -0.98
C TYR B 32 -0.13 -3.96 -0.40
N LEU B 33 -1.00 -4.75 -1.02
CA LEU B 33 -1.28 -6.13 -0.61
C LEU B 33 -1.09 -7.04 -1.83
N ALA B 34 0.07 -6.91 -2.47
CA ALA B 34 0.40 -7.75 -3.62
C ALA B 34 0.14 -9.22 -3.31
N TRP B 35 -0.41 -9.93 -4.30
CA TRP B 35 -0.62 -11.36 -4.24
C TRP B 35 0.55 -12.08 -4.92
N TYR B 36 0.78 -13.32 -4.53
CA TYR B 36 1.83 -14.14 -5.10
C TYR B 36 1.28 -15.51 -5.49
N GLN B 37 1.74 -16.00 -6.65
CA GLN B 37 1.34 -17.31 -7.17
C GLN B 37 2.52 -18.25 -7.10
N GLN B 38 2.29 -19.46 -6.61
CA GLN B 38 3.29 -20.52 -6.60
C GLN B 38 2.66 -21.78 -7.15
N LYS B 39 3.35 -22.42 -8.09
CA LYS B 39 2.91 -23.74 -8.54
C LYS B 39 3.57 -24.81 -7.68
N PRO B 40 2.81 -25.85 -7.28
CA PRO B 40 3.40 -26.87 -6.39
C PRO B 40 4.77 -27.33 -6.84
N GLY B 41 5.76 -27.18 -5.96
CA GLY B 41 7.13 -27.51 -6.32
C GLY B 41 7.80 -26.48 -7.21
N GLN B 42 7.39 -25.22 -7.12
CA GLN B 42 7.97 -24.17 -7.93
C GLN B 42 8.14 -22.91 -7.08
N ALA B 43 9.14 -22.12 -7.44
CA ALA B 43 9.34 -20.84 -6.76
C ALA B 43 8.18 -19.90 -7.08
N PRO B 44 7.55 -19.30 -6.07
CA PRO B 44 6.40 -18.41 -6.35
C PRO B 44 6.76 -17.32 -7.35
N ARG B 45 5.72 -16.64 -7.82
CA ARG B 45 5.88 -15.60 -8.82
C ARG B 45 4.87 -14.50 -8.54
N LEU B 46 5.17 -13.30 -9.04
CA LEU B 46 4.29 -12.16 -8.83
C LEU B 46 3.04 -12.29 -9.71
N LEU B 47 1.88 -12.00 -9.11
CA LEU B 47 0.62 -11.93 -9.82
C LEU B 47 0.00 -10.55 -9.78
N ILE B 48 0.05 -9.89 -8.63
CA ILE B 48 -0.54 -8.58 -8.42
C ILE B 48 0.47 -7.73 -7.65
N TYR B 49 0.57 -6.45 -7.98
CA TYR B 49 1.47 -5.55 -7.29
C TYR B 49 0.78 -4.47 -6.47
N ASP B 50 -0.55 -4.45 -6.44
CA ASP B 50 -1.30 -3.58 -5.54
C ASP B 50 -2.74 -4.06 -5.51
N THR B 51 -3.53 -3.49 -4.60
CA THR B 51 -4.86 -4.02 -4.33
C THR B 51 -5.68 -4.26 -5.60
N SER B 52 -5.41 -3.53 -6.69
CA SER B 52 -6.24 -3.64 -7.88
C SER B 52 -5.48 -3.62 -9.20
N ASN B 53 -4.15 -3.65 -9.19
CA ASN B 53 -3.36 -3.55 -10.41
C ASN B 53 -2.71 -4.90 -10.71
N ARG B 54 -2.72 -5.28 -11.99
CA ARG B 54 -2.10 -6.54 -12.41
C ARG B 54 -0.66 -6.29 -12.85
N ALA B 55 0.19 -7.30 -12.63
CA ALA B 55 1.59 -7.22 -13.02
C ALA B 55 1.73 -7.64 -14.49
N THR B 56 2.97 -7.87 -14.92
CA THR B 56 3.23 -8.18 -16.32
C THR B 56 2.75 -9.59 -16.66
N GLY B 57 2.00 -9.71 -17.76
CA GLY B 57 1.68 -10.98 -18.35
C GLY B 57 0.46 -11.69 -17.78
N ILE B 58 -0.09 -11.22 -16.67
CA ILE B 58 -1.20 -11.95 -16.05
C ILE B 58 -2.46 -11.74 -16.89
N PRO B 59 -3.27 -12.77 -17.13
CA PRO B 59 -4.54 -12.55 -17.84
C PRO B 59 -5.46 -11.62 -17.05
N ALA B 60 -6.30 -10.89 -17.77
CA ALA B 60 -7.20 -9.93 -17.17
C ALA B 60 -8.27 -10.59 -16.31
N ARG B 61 -8.39 -11.92 -16.42
CA ARG B 61 -9.42 -12.63 -15.66
C ARG B 61 -9.26 -12.39 -14.16
N PHE B 62 -8.03 -12.20 -13.69
CA PHE B 62 -7.81 -11.94 -12.28
C PHE B 62 -7.95 -10.45 -11.98
N SER B 63 -8.79 -10.14 -10.98
CA SER B 63 -9.09 -8.75 -10.65
C SER B 63 -9.10 -8.59 -9.14
N GLY B 64 -8.31 -7.64 -8.65
CA GLY B 64 -8.26 -7.33 -7.23
C GLY B 64 -9.00 -6.05 -6.92
N ARG B 65 -9.65 -6.01 -5.76
CA ARG B 65 -10.43 -4.86 -5.35
C ARG B 65 -10.47 -4.84 -3.81
N GLY B 66 -11.34 -3.99 -3.26
CA GLY B 66 -11.55 -3.96 -1.83
C GLY B 66 -10.62 -3.00 -1.10
N SER B 67 -11.04 -2.57 0.07
CA SER B 67 -10.23 -1.68 0.90
C SER B 67 -10.84 -1.62 2.29
N GLY B 68 -10.01 -1.34 3.28
CA GLY B 68 -10.42 -1.38 4.66
C GLY B 68 -10.01 -2.68 5.32
N THR B 69 -8.82 -3.18 4.95
CA THR B 69 -8.31 -4.45 5.46
C THR B 69 -9.33 -5.56 5.22
N ASP B 70 -10.09 -5.45 4.13
CA ASP B 70 -11.08 -6.47 3.78
C ASP B 70 -11.02 -6.73 2.28
N PHE B 71 -9.81 -6.83 1.73
CA PHE B 71 -9.62 -6.88 0.28
C PHE B 71 -10.20 -8.18 -0.27
N THR B 72 -10.16 -8.31 -1.60
CA THR B 72 -10.74 -9.47 -2.27
C THR B 72 -10.07 -9.63 -3.62
N LEU B 73 -10.06 -10.87 -4.11
CA LEU B 73 -9.55 -11.19 -5.44
C LEU B 73 -10.56 -12.12 -6.11
N THR B 74 -11.27 -11.60 -7.11
CA THR B 74 -12.31 -12.33 -7.80
C THR B 74 -11.77 -12.86 -9.11
N ILE B 75 -12.00 -14.14 -9.37
CA ILE B 75 -11.62 -14.78 -10.62
C ILE B 75 -12.90 -15.05 -11.39
N ASN B 76 -13.08 -14.37 -12.52
CA ASN B 76 -14.32 -14.48 -13.28
C ASN B 76 -14.43 -15.77 -14.06
N SER B 77 -13.32 -16.42 -14.39
CA SER B 77 -13.36 -17.68 -15.12
C SER B 77 -12.04 -18.40 -14.90
N LEU B 78 -12.09 -19.57 -14.26
CA LEU B 78 -10.88 -20.30 -13.92
C LEU B 78 -10.33 -21.06 -15.12
N GLU B 79 -9.02 -21.29 -15.09
CA GLU B 79 -8.30 -22.09 -16.07
C GLU B 79 -7.44 -23.11 -15.35
N PRO B 80 -7.11 -24.23 -16.00
CA PRO B 80 -6.36 -25.29 -15.29
C PRO B 80 -5.07 -24.80 -14.67
N GLU B 81 -4.48 -23.75 -15.25
CA GLU B 81 -3.25 -23.20 -14.69
C GLU B 81 -3.51 -22.39 -13.44
N ASP B 82 -4.78 -22.05 -13.18
CA ASP B 82 -5.14 -21.24 -12.02
C ASP B 82 -5.20 -22.04 -10.73
N PHE B 83 -5.27 -23.37 -10.81
CA PHE B 83 -5.37 -24.19 -9.61
C PHE B 83 -4.02 -24.32 -8.91
N ALA B 84 -3.73 -23.39 -8.00
CA ALA B 84 -2.47 -23.37 -7.29
C ALA B 84 -2.70 -22.72 -5.93
N VAL B 85 -1.62 -22.25 -5.31
CA VAL B 85 -1.69 -21.60 -4.00
C VAL B 85 -1.51 -20.10 -4.21
N TYR B 86 -2.28 -19.30 -3.47
CA TYR B 86 -2.22 -17.85 -3.57
C TYR B 86 -2.01 -17.25 -2.18
N TYR B 87 -1.00 -16.39 -2.06
CA TYR B 87 -0.67 -15.71 -0.81
C TYR B 87 -0.77 -14.21 -0.99
N CYS B 88 -1.38 -13.53 -0.01
CA CYS B 88 -1.54 -12.08 -0.05
C CYS B 88 -0.47 -11.46 0.83
N GLN B 89 0.31 -10.55 0.25
CA GLN B 89 1.38 -9.87 0.95
C GLN B 89 0.82 -8.65 1.68
N GLN B 90 1.71 -7.84 2.25
CA GLN B 90 1.34 -6.54 2.80
C GLN B 90 2.60 -5.75 3.08
N ARG B 91 2.61 -4.45 2.73
CA ARG B 91 3.83 -3.66 2.79
C ARG B 91 3.78 -2.51 3.80
N TYR B 92 2.64 -2.19 4.38
CA TYR B 92 2.62 -1.09 5.35
C TYR B 92 3.08 -1.63 6.71
N ASN B 93 4.24 -1.13 7.15
CA ASN B 93 4.94 -1.54 8.36
C ASN B 93 6.11 -2.43 7.93
N TRP B 94 7.18 -2.47 8.72
CA TRP B 94 8.37 -3.18 8.26
C TRP B 94 8.11 -4.66 8.05
N PRO B 95 7.59 -5.38 9.05
CA PRO B 95 7.42 -6.83 8.89
C PRO B 95 6.36 -7.18 7.85
N ILE B 96 6.80 -7.78 6.75
CA ILE B 96 5.89 -8.18 5.68
C ILE B 96 5.36 -9.57 6.00
N THR B 97 4.03 -9.68 6.15
CA THR B 97 3.39 -10.91 6.58
C THR B 97 2.51 -11.45 5.47
N PHE B 98 3.00 -12.49 4.79
CA PHE B 98 2.18 -13.21 3.84
C PHE B 98 1.03 -13.88 4.58
N GLY B 99 -0.08 -14.06 3.88
CA GLY B 99 -1.19 -14.81 4.44
C GLY B 99 -0.83 -16.28 4.58
N GLN B 100 -1.67 -16.99 5.34
CA GLN B 100 -1.43 -18.41 5.53
C GLN B 100 -1.74 -19.21 4.26
N GLY B 101 -2.33 -18.58 3.26
CA GLY B 101 -2.44 -19.17 1.94
C GLY B 101 -3.72 -19.98 1.76
N THR B 102 -4.07 -20.18 0.50
CA THR B 102 -5.23 -21.00 0.16
C THR B 102 -4.96 -21.68 -1.17
N ARG B 103 -5.62 -22.82 -1.37
CA ARG B 103 -5.40 -23.67 -2.53
C ARG B 103 -6.65 -23.75 -3.39
N LEU B 104 -6.47 -23.72 -4.70
CA LEU B 104 -7.54 -23.94 -5.65
C LEU B 104 -7.39 -25.34 -6.24
N GLU B 105 -8.43 -26.17 -6.08
CA GLU B 105 -8.40 -27.56 -6.48
C GLU B 105 -9.44 -27.82 -7.56
N ILE B 106 -9.08 -28.64 -8.54
CA ILE B 106 -10.01 -29.03 -9.59
C ILE B 106 -11.09 -29.90 -8.97
N LYS B 107 -12.33 -29.39 -8.98
CA LYS B 107 -13.44 -30.13 -8.41
C LYS B 107 -13.78 -31.35 -9.27
N ILE C 67 -22.94 1.66 -20.43
CA ILE C 67 -23.15 2.86 -19.62
C ILE C 67 -23.69 3.98 -20.49
N CYS C 68 -24.95 4.35 -20.25
CA CYS C 68 -25.59 5.41 -20.99
C CYS C 68 -25.18 6.77 -20.44
N ASP C 69 -25.22 7.79 -21.29
CA ASP C 69 -24.79 9.14 -20.94
C ASP C 69 -25.92 10.15 -20.93
N SER C 70 -26.93 9.98 -21.78
CA SER C 70 -27.95 11.01 -21.92
C SER C 70 -28.72 11.25 -20.63
N PRO C 71 -29.22 10.23 -19.92
CA PRO C 71 -30.07 10.51 -18.75
C PRO C 71 -29.31 10.94 -17.51
N HIS C 72 -28.15 10.36 -17.22
CA HIS C 72 -27.41 10.63 -16.00
C HIS C 72 -25.99 11.02 -16.33
N GLN C 73 -25.44 11.94 -15.55
CA GLN C 73 -24.09 12.43 -15.78
C GLN C 73 -23.07 11.45 -15.20
N ILE C 74 -22.20 10.93 -16.06
CA ILE C 74 -21.17 9.98 -15.68
C ILE C 74 -19.82 10.68 -15.78
N LEU C 75 -18.82 10.14 -15.07
CA LEU C 75 -17.51 10.76 -15.00
C LEU C 75 -16.37 9.86 -15.44
N ASP C 76 -16.50 8.55 -15.32
CA ASP C 76 -15.47 7.61 -15.80
C ASP C 76 -14.18 7.93 -15.02
N GLY C 77 -13.07 8.24 -15.69
CA GLY C 77 -11.81 8.46 -15.02
C GLY C 77 -10.75 7.44 -15.38
N GLU C 78 -9.75 7.85 -16.16
CA GLU C 78 -8.73 6.90 -16.60
C GLU C 78 -8.07 6.21 -15.43
N ASN C 79 -7.53 6.99 -14.50
CA ASN C 79 -6.74 6.44 -13.40
C ASN C 79 -7.03 7.16 -12.09
N CYS C 80 -8.26 7.59 -11.85
CA CYS C 80 -8.63 8.29 -10.64
C CYS C 80 -9.65 7.49 -9.85
N THR C 81 -9.25 7.03 -8.68
CA THR C 81 -10.23 6.63 -7.69
C THR C 81 -10.93 7.86 -7.15
N LEU C 82 -12.21 7.70 -6.79
CA LEU C 82 -12.97 8.85 -6.32
C LEU C 82 -12.23 9.58 -5.22
N ILE C 83 -11.60 8.84 -4.31
CA ILE C 83 -10.83 9.46 -3.24
C ILE C 83 -9.60 10.18 -3.79
N ASP C 84 -8.97 9.63 -4.83
CA ASP C 84 -7.81 10.31 -5.40
C ASP C 84 -8.21 11.63 -6.05
N ALA C 85 -9.34 11.68 -6.74
CA ALA C 85 -9.84 12.95 -7.24
C ALA C 85 -10.21 13.88 -6.09
N LEU C 86 -10.70 13.32 -4.98
CA LEU C 86 -11.01 14.12 -3.81
C LEU C 86 -9.76 14.80 -3.28
N LEU C 87 -8.65 14.08 -3.22
CA LEU C 87 -7.40 14.66 -2.75
C LEU C 87 -6.73 15.56 -3.78
N GLY C 88 -6.99 15.34 -5.06
CA GLY C 88 -6.34 16.13 -6.09
C GLY C 88 -4.95 15.63 -6.39
N ASP C 89 -4.84 14.33 -6.60
CA ASP C 89 -3.56 13.74 -6.96
C ASP C 89 -3.05 14.35 -8.26
N PRO C 90 -1.74 14.59 -8.41
CA PRO C 90 -1.28 15.32 -9.59
C PRO C 90 -1.70 14.71 -10.91
N GLN C 91 -1.70 13.40 -11.03
CA GLN C 91 -2.07 12.77 -12.29
C GLN C 91 -3.59 12.67 -12.47
N CYS C 92 -4.37 12.99 -11.43
CA CYS C 92 -5.82 13.02 -11.52
C CYS C 92 -6.37 14.43 -11.33
N ASP C 93 -5.52 15.45 -11.44
CA ASP C 93 -5.93 16.81 -11.11
C ASP C 93 -6.96 17.36 -12.09
N GLY C 94 -7.13 16.73 -13.25
CA GLY C 94 -8.08 17.24 -14.24
C GLY C 94 -9.52 17.19 -13.79
N PHE C 95 -9.81 16.45 -12.72
CA PHE C 95 -11.18 16.25 -12.26
C PHE C 95 -11.62 17.26 -11.21
N GLN C 96 -10.86 18.32 -11.00
CA GLN C 96 -11.20 19.32 -9.98
C GLN C 96 -12.54 19.97 -10.30
N ASN C 97 -13.34 20.17 -9.26
CA ASN C 97 -14.62 20.89 -9.34
C ASN C 97 -15.65 20.14 -10.19
N LYS C 98 -15.34 18.93 -10.63
CA LYS C 98 -16.28 18.19 -11.45
C LYS C 98 -17.52 17.83 -10.64
N LYS C 99 -18.66 17.78 -11.34
CA LYS C 99 -19.93 17.40 -10.76
C LYS C 99 -20.46 16.19 -11.49
N TRP C 100 -21.13 15.29 -10.76
CA TRP C 100 -21.57 14.04 -11.34
C TRP C 100 -22.87 13.59 -10.67
N ASP C 101 -23.59 12.72 -11.38
CA ASP C 101 -24.70 11.97 -10.80
C ASP C 101 -24.28 10.58 -10.38
N LEU C 102 -23.51 9.88 -11.22
CA LEU C 102 -22.96 8.58 -10.89
C LEU C 102 -21.49 8.56 -11.25
N PHE C 103 -20.67 7.97 -10.39
CA PHE C 103 -19.24 7.84 -10.63
C PHE C 103 -18.91 6.42 -11.07
N VAL C 104 -18.00 6.31 -12.02
CA VAL C 104 -17.64 5.03 -12.62
C VAL C 104 -16.13 4.89 -12.59
N GLU C 105 -15.66 3.69 -12.23
CA GLU C 105 -14.29 3.47 -11.80
C GLU C 105 -13.63 2.41 -12.68
N ARG C 106 -12.47 2.75 -13.25
CA ARG C 106 -11.67 1.78 -13.98
C ARG C 106 -10.88 0.90 -13.01
N SER C 107 -10.63 -0.33 -13.44
CA SER C 107 -9.75 -1.20 -12.68
C SER C 107 -8.29 -0.77 -12.77
N LYS C 108 -7.95 0.06 -13.75
CA LYS C 108 -6.58 0.56 -13.90
C LYS C 108 -6.19 1.51 -12.78
N ALA C 109 -7.16 1.94 -11.96
CA ALA C 109 -6.95 3.03 -11.03
C ALA C 109 -5.71 2.82 -10.17
N TYR C 110 -4.86 3.84 -10.12
CA TYR C 110 -3.65 3.80 -9.33
C TYR C 110 -3.27 5.22 -8.97
N SER C 111 -2.40 5.35 -7.96
CA SER C 111 -1.95 6.64 -7.47
C SER C 111 -0.44 6.75 -7.59
N ASN C 112 0.03 7.98 -7.77
CA ASN C 112 1.45 8.27 -7.95
C ASN C 112 2.02 9.19 -6.87
N CYS C 113 1.21 9.62 -5.91
CA CYS C 113 1.65 10.55 -4.88
C CYS C 113 2.14 9.81 -3.65
N TYR C 114 2.36 10.55 -2.57
CA TYR C 114 2.63 10.00 -1.24
C TYR C 114 1.76 8.79 -0.92
N PRO C 115 2.30 7.79 -0.25
CA PRO C 115 1.43 6.73 0.29
C PRO C 115 0.34 7.34 1.15
N TYR C 116 -0.78 6.66 1.33
CA TYR C 116 -1.86 7.22 2.13
C TYR C 116 -2.82 6.10 2.52
N ASP C 117 -3.73 6.42 3.43
CA ASP C 117 -4.70 5.45 3.92
C ASP C 117 -5.83 6.18 4.64
N VAL C 118 -7.07 5.85 4.31
CA VAL C 118 -8.23 6.44 4.96
C VAL C 118 -8.84 5.40 5.87
N PRO C 119 -8.69 5.50 7.20
CA PRO C 119 -9.21 4.47 8.10
C PRO C 119 -10.69 4.20 7.96
N ASP C 120 -11.44 5.12 7.34
CA ASP C 120 -12.88 4.97 7.16
C ASP C 120 -13.24 5.09 5.69
N TYR C 121 -12.51 4.34 4.86
CA TYR C 121 -12.62 4.46 3.41
C TYR C 121 -14.07 4.39 2.94
N ALA C 122 -14.82 3.41 3.45
CA ALA C 122 -16.15 3.15 2.92
C ALA C 122 -17.08 4.34 3.15
N SER C 123 -17.12 4.87 4.37
CA SER C 123 -18.02 5.98 4.64
C SER C 123 -17.63 7.22 3.84
N LEU C 124 -16.33 7.49 3.73
CA LEU C 124 -15.89 8.64 2.95
C LEU C 124 -16.30 8.49 1.49
N ARG C 125 -16.11 7.30 0.92
CA ARG C 125 -16.53 7.05 -0.45
C ARG C 125 -18.02 7.29 -0.61
N SER C 126 -18.83 6.69 0.26
CA SER C 126 -20.27 6.83 0.13
C SER C 126 -20.69 8.29 0.25
N LEU C 127 -20.12 9.02 1.22
CA LEU C 127 -20.51 10.41 1.43
C LEU C 127 -20.14 11.26 0.22
N VAL C 128 -18.90 11.18 -0.23
CA VAL C 128 -18.47 11.99 -1.37
C VAL C 128 -19.30 11.64 -2.60
N ALA C 129 -19.57 10.36 -2.83
CA ALA C 129 -20.37 9.98 -4.00
C ALA C 129 -21.78 10.54 -3.90
N SER C 130 -22.38 10.49 -2.71
CA SER C 130 -23.73 11.03 -2.54
C SER C 130 -23.75 12.54 -2.71
N SER C 131 -22.68 13.24 -2.34
CA SER C 131 -22.64 14.68 -2.53
C SER C 131 -22.78 15.04 -4.00
N GLY C 132 -22.09 14.30 -4.87
CA GLY C 132 -22.14 14.58 -6.29
C GLY C 132 -21.49 15.89 -6.68
N THR C 133 -20.44 16.31 -5.97
CA THR C 133 -19.74 17.54 -6.31
C THR C 133 -18.48 17.63 -5.47
N LEU C 134 -17.41 18.17 -6.06
CA LEU C 134 -16.22 18.51 -5.31
C LEU C 134 -16.27 19.98 -4.86
N GLU C 135 -16.51 20.88 -5.82
CA GLU C 135 -16.72 22.30 -5.53
C GLU C 135 -15.79 22.78 -4.42
N PHE C 136 -14.50 22.57 -4.63
CA PHE C 136 -13.51 23.02 -3.67
C PHE C 136 -13.41 24.55 -3.71
N LYS C 137 -13.14 25.13 -2.54
CA LYS C 137 -12.96 26.57 -2.41
C LYS C 137 -11.93 26.85 -1.34
N ASN C 138 -10.77 27.37 -1.75
CA ASN C 138 -9.74 27.74 -0.79
C ASN C 138 -10.28 28.82 0.14
N GLU C 139 -10.07 28.63 1.44
CA GLU C 139 -10.68 29.46 2.47
C GLU C 139 -9.67 30.31 3.23
N SER C 140 -8.38 30.17 2.96
CA SER C 140 -7.35 31.00 3.58
C SER C 140 -7.35 30.85 5.09
N PHE C 141 -7.12 29.63 5.55
CA PHE C 141 -6.84 29.40 6.97
C PHE C 141 -5.62 30.20 7.37
N ASN C 142 -5.45 30.41 8.67
CA ASN C 142 -4.37 31.28 9.15
C ASN C 142 -3.01 30.63 8.93
N TRP C 143 -2.75 29.51 9.62
CA TRP C 143 -1.47 28.79 9.53
C TRP C 143 -0.29 29.75 9.44
N THR C 144 -0.36 30.86 10.19
CA THR C 144 0.59 31.95 9.98
C THR C 144 1.99 31.57 10.47
N GLY C 145 2.09 30.66 11.45
CA GLY C 145 3.36 30.40 12.08
C GLY C 145 4.38 29.72 11.19
N VAL C 146 3.94 29.02 10.15
CA VAL C 146 4.83 28.21 9.33
C VAL C 146 4.30 28.15 7.91
N THR C 147 5.19 27.78 6.97
CA THR C 147 4.84 27.77 5.55
C THR C 147 4.10 26.50 5.19
N GLN C 148 3.06 26.64 4.35
CA GLN C 148 2.11 25.56 4.10
C GLN C 148 2.45 24.72 2.87
N ASN C 149 3.55 25.00 2.18
CA ASN C 149 3.90 24.22 1.01
C ASN C 149 5.00 23.21 1.33
N GLY C 150 4.99 22.09 0.60
CA GLY C 150 5.97 21.04 0.80
C GLY C 150 6.17 20.21 -0.45
N THR C 151 7.43 19.94 -0.79
CA THR C 151 7.78 19.25 -2.02
C THR C 151 8.34 17.87 -1.68
N SER C 152 7.75 16.84 -2.28
CA SER C 152 8.17 15.46 -2.07
C SER C 152 8.76 14.88 -3.34
N SER C 153 9.77 14.03 -3.18
CA SER C 153 10.38 13.36 -4.33
C SER C 153 9.38 12.54 -5.13
N ALA C 154 8.44 11.86 -4.47
CA ALA C 154 7.34 11.21 -5.17
C ALA C 154 6.30 12.28 -5.52
N CYS C 155 5.13 11.86 -6.00
CA CYS C 155 4.07 12.78 -6.38
C CYS C 155 4.55 13.79 -7.42
N ILE C 156 5.40 13.35 -8.35
CA ILE C 156 5.93 14.28 -9.33
C ILE C 156 4.80 14.85 -10.17
N ARG C 157 4.82 16.17 -10.34
CA ARG C 157 3.85 16.87 -11.20
C ARG C 157 4.66 17.85 -12.04
N GLY C 158 4.94 17.48 -13.29
CA GLY C 158 5.77 18.30 -14.13
C GLY C 158 7.24 17.89 -14.03
N SER C 159 8.11 18.90 -14.03
CA SER C 159 9.55 18.67 -14.05
C SER C 159 10.18 18.69 -12.66
N SER C 160 9.40 18.89 -11.60
CA SER C 160 9.95 19.02 -10.26
C SER C 160 9.03 18.33 -9.26
N SER C 161 9.49 18.29 -8.01
CA SER C 161 8.72 17.68 -6.94
C SER C 161 7.40 18.40 -6.74
N SER C 162 6.41 17.70 -6.21
CA SER C 162 5.09 18.25 -6.00
C SER C 162 4.43 17.54 -4.82
N PHE C 163 3.13 17.76 -4.64
CA PHE C 163 2.40 17.22 -3.52
C PHE C 163 0.91 17.34 -3.85
N PHE C 164 0.08 16.73 -3.00
CA PHE C 164 -1.36 16.83 -3.16
C PHE C 164 -1.78 18.27 -3.42
N SER C 165 -2.85 18.44 -4.19
CA SER C 165 -3.37 19.75 -4.53
C SER C 165 -4.53 20.19 -3.64
N ARG C 166 -4.84 19.43 -2.59
CA ARG C 166 -5.87 19.82 -1.64
C ARG C 166 -5.43 19.61 -0.19
N LEU C 167 -4.13 19.65 0.08
CA LEU C 167 -3.61 19.48 1.42
C LEU C 167 -2.25 20.17 1.52
N ASN C 168 -1.80 20.39 2.75
CA ASN C 168 -0.51 21.00 3.02
C ASN C 168 0.39 20.02 3.78
N TRP C 169 1.70 20.17 3.56
CA TRP C 169 2.70 19.38 4.28
C TRP C 169 3.54 20.39 5.06
N LEU C 170 3.14 20.62 6.32
CA LEU C 170 3.54 21.83 7.01
C LEU C 170 5.00 21.78 7.45
N THR C 171 5.45 20.66 7.99
CA THR C 171 6.75 20.57 8.67
C THR C 171 6.74 21.66 9.74
N HIS C 172 7.79 22.47 9.87
CA HIS C 172 7.72 23.67 10.69
C HIS C 172 8.91 24.55 10.38
N LEU C 173 8.64 25.80 10.02
CA LEU C 173 9.71 26.76 9.76
C LEU C 173 10.42 27.12 11.06
N ASN C 174 11.70 27.43 10.94
CA ASN C 174 12.55 27.73 12.11
C ASN C 174 12.63 26.54 13.06
N TYR C 175 12.50 25.33 12.51
CA TYR C 175 12.65 24.08 13.26
C TYR C 175 11.85 24.06 14.56
N THR C 176 10.75 24.81 14.62
CA THR C 176 9.92 24.86 15.82
C THR C 176 8.46 24.89 15.41
N TYR C 177 7.64 24.10 16.10
CA TYR C 177 6.23 23.96 15.75
C TYR C 177 5.38 24.42 16.92
N PRO C 178 4.99 25.70 16.98
CA PRO C 178 4.08 26.14 18.04
C PRO C 178 2.65 25.64 17.80
N ALA C 179 1.90 25.53 18.90
CA ALA C 179 0.50 25.13 18.82
C ALA C 179 -0.26 26.18 18.01
N LEU C 180 -0.78 25.78 16.86
CA LEU C 180 -1.31 26.73 15.89
C LEU C 180 -2.68 27.28 16.29
N ASN C 181 -3.55 26.47 16.89
CA ASN C 181 -4.84 26.95 17.40
C ASN C 181 -5.67 27.62 16.31
N VAL C 182 -5.66 27.06 15.10
CA VAL C 182 -6.41 27.65 14.01
C VAL C 182 -7.90 27.48 14.25
N THR C 183 -8.67 28.50 13.87
CA THR C 183 -10.12 28.47 13.95
C THR C 183 -10.70 29.00 12.65
N MET C 184 -11.86 28.47 12.27
CA MET C 184 -12.51 28.91 11.04
C MET C 184 -14.03 28.82 11.19
N PRO C 185 -14.74 29.94 11.22
CA PRO C 185 -16.20 29.86 11.35
C PRO C 185 -16.86 29.46 10.04
N ASN C 186 -17.79 28.53 10.12
CA ASN C 186 -18.56 28.10 8.95
C ASN C 186 -19.77 29.00 8.81
N LYS C 187 -19.62 30.05 7.98
CA LYS C 187 -20.65 31.06 7.84
C LYS C 187 -21.82 30.61 6.98
N GLU C 188 -21.58 29.80 5.96
CA GLU C 188 -22.62 29.44 5.01
C GLU C 188 -23.75 28.67 5.71
N GLN C 189 -24.82 28.45 4.96
CA GLN C 189 -26.01 27.75 5.44
C GLN C 189 -25.97 26.25 5.18
N PHE C 190 -24.95 25.77 4.45
CA PHE C 190 -24.87 24.37 4.06
C PHE C 190 -23.68 23.71 4.73
N ASP C 191 -23.76 22.39 4.89
CA ASP C 191 -22.69 21.65 5.54
C ASP C 191 -21.41 21.72 4.73
N LYS C 192 -20.28 21.57 5.40
CA LYS C 192 -18.97 21.64 4.76
C LYS C 192 -18.10 20.51 5.28
N LEU C 193 -17.14 20.09 4.46
CA LEU C 193 -16.27 18.96 4.77
C LEU C 193 -14.83 19.35 4.53
N TYR C 194 -13.98 19.12 5.53
CA TYR C 194 -12.57 19.48 5.48
C TYR C 194 -11.74 18.22 5.67
N ILE C 195 -10.77 18.02 4.79
CA ILE C 195 -9.99 16.79 4.76
C ILE C 195 -8.56 17.10 5.17
N TRP C 196 -8.07 16.38 6.18
CA TRP C 196 -6.75 16.61 6.74
C TRP C 196 -6.11 15.26 7.03
N GLY C 197 -4.80 15.28 7.29
CA GLY C 197 -4.08 14.05 7.54
C GLY C 197 -2.99 14.25 8.57
N VAL C 198 -2.40 13.12 8.97
CA VAL C 198 -1.27 13.10 9.89
C VAL C 198 -0.12 12.40 9.20
N HIS C 199 1.06 13.03 9.20
CA HIS C 199 2.20 12.54 8.44
C HIS C 199 3.08 11.68 9.34
N HIS C 200 2.77 10.38 9.37
CA HIS C 200 3.56 9.43 10.13
C HIS C 200 4.99 9.39 9.60
N PRO C 201 5.97 9.88 10.33
CA PRO C 201 7.34 9.89 9.83
C PRO C 201 7.91 8.48 9.71
N GLY C 202 9.17 8.39 9.34
CA GLY C 202 9.84 7.12 9.18
C GLY C 202 11.35 7.22 9.32
N SER C 214 9.54 12.77 15.78
CA SER C 214 9.85 12.23 17.10
C SER C 214 8.91 12.76 18.17
N SER C 215 8.15 13.80 17.80
CA SER C 215 7.19 14.40 18.72
C SER C 215 6.06 15.03 17.92
N GLY C 216 4.88 15.03 18.50
CA GLY C 216 3.73 15.67 17.89
C GLY C 216 2.43 14.94 18.20
N ARG C 217 1.40 15.72 18.47
CA ARG C 217 0.03 15.23 18.59
C ARG C 217 -0.88 16.17 17.84
N ILE C 218 -2.01 15.64 17.36
CA ILE C 218 -2.93 16.39 16.52
C ILE C 218 -4.34 16.18 17.04
N THR C 219 -5.20 17.18 16.82
CA THR C 219 -6.58 17.10 17.25
C THR C 219 -7.41 18.03 16.39
N VAL C 220 -8.55 17.54 15.90
CA VAL C 220 -9.53 18.34 15.17
C VAL C 220 -10.82 18.33 15.95
N SER C 221 -11.15 19.45 16.58
CA SER C 221 -12.25 19.51 17.54
C SER C 221 -13.42 20.27 16.95
N THR C 222 -14.61 19.75 17.21
CA THR C 222 -15.85 20.42 16.83
C THR C 222 -16.82 20.32 18.00
N LYS C 223 -18.04 20.77 17.77
CA LYS C 223 -19.05 20.75 18.83
C LYS C 223 -19.52 19.34 19.11
N ARG C 224 -19.18 18.38 18.24
CA ARG C 224 -19.68 17.02 18.34
C ARG C 224 -18.61 15.97 18.55
N SER C 225 -17.34 16.25 18.23
CA SER C 225 -16.33 15.21 18.28
C SER C 225 -14.95 15.83 18.46
N GLN C 226 -14.00 14.98 18.85
CA GLN C 226 -12.58 15.30 18.86
C GLN C 226 -11.88 14.21 18.05
N GLN C 227 -11.62 14.47 16.78
CA GLN C 227 -10.99 13.51 15.88
C GLN C 227 -9.51 13.40 16.26
N ALA C 228 -9.27 12.92 17.47
CA ALA C 228 -7.90 12.81 17.96
C ALA C 228 -7.11 11.82 17.12
N VAL C 229 -5.87 12.20 16.82
CA VAL C 229 -4.96 11.35 16.06
C VAL C 229 -3.55 11.54 16.61
N ILE C 230 -2.80 10.47 16.64
CA ILE C 230 -1.42 10.46 17.15
C ILE C 230 -0.51 9.95 16.04
N PRO C 231 0.54 10.67 15.66
CA PRO C 231 1.40 10.20 14.56
C PRO C 231 2.10 8.91 14.93
N ASN C 232 1.74 7.83 14.26
CA ASN C 232 2.28 6.49 14.54
C ASN C 232 3.72 6.38 14.03
N ILE C 233 4.61 7.10 14.69
CA ILE C 233 6.01 7.12 14.29
C ILE C 233 6.54 5.69 14.22
N GLY C 234 7.49 5.47 13.31
CA GLY C 234 8.10 4.16 13.15
C GLY C 234 8.70 3.97 11.77
N SER C 235 9.73 3.13 11.67
CA SER C 235 10.34 2.86 10.39
C SER C 235 9.42 2.02 9.50
N ARG C 236 9.68 2.05 8.19
CA ARG C 236 8.78 1.43 7.24
C ARG C 236 9.49 1.17 5.92
N PRO C 237 8.85 0.45 4.98
CA PRO C 237 9.50 0.15 3.70
C PRO C 237 9.25 1.22 2.66
N ARG C 238 10.26 1.60 1.90
CA ARG C 238 10.07 2.55 0.81
C ARG C 238 9.00 2.04 -0.15
N ILE C 239 8.01 2.89 -0.43
CA ILE C 239 6.91 2.53 -1.31
C ILE C 239 6.97 3.31 -2.62
N ARG C 240 7.35 4.58 -2.57
CA ARG C 240 7.56 5.35 -3.78
C ARG C 240 8.80 6.22 -3.62
N ASP C 241 9.79 5.70 -2.90
CA ASP C 241 11.00 6.38 -2.47
C ASP C 241 10.71 7.25 -1.25
N ILE C 242 9.54 7.13 -0.64
CA ILE C 242 9.18 7.95 0.52
C ILE C 242 8.65 7.03 1.61
N PRO C 243 9.47 6.69 2.62
CA PRO C 243 8.98 5.81 3.70
C PRO C 243 8.19 6.56 4.75
N SER C 244 6.91 6.81 4.48
CA SER C 244 6.04 7.49 5.42
C SER C 244 4.59 7.27 5.03
N ARG C 245 3.66 7.95 5.68
CA ARG C 245 2.25 7.84 5.34
C ARG C 245 1.57 9.17 5.61
N ILE C 246 0.45 9.39 4.92
CA ILE C 246 -0.26 10.66 4.95
C ILE C 246 -1.70 10.39 5.38
N SER C 247 -1.87 9.44 6.30
CA SER C 247 -3.19 9.00 6.72
C SER C 247 -4.20 10.14 6.72
N ILE C 248 -5.32 9.92 6.03
CA ILE C 248 -6.28 10.98 5.71
C ILE C 248 -7.57 10.71 6.47
N TYR C 249 -8.08 11.74 7.15
CA TYR C 249 -9.37 11.68 7.81
C TYR C 249 -10.27 12.78 7.26
N TRP C 250 -11.56 12.70 7.59
CA TRP C 250 -12.54 13.69 7.16
C TRP C 250 -13.23 14.30 8.37
N THR C 251 -13.77 15.50 8.17
CA THR C 251 -14.34 16.29 9.26
C THR C 251 -15.52 17.09 8.73
N ILE C 252 -16.72 16.76 9.18
CA ILE C 252 -17.90 17.54 8.85
C ILE C 252 -17.99 18.73 9.81
N VAL C 253 -18.39 19.88 9.29
CA VAL C 253 -18.54 21.11 10.06
C VAL C 253 -19.87 21.74 9.66
N LYS C 254 -20.89 21.55 10.49
CA LYS C 254 -22.22 22.03 10.18
C LYS C 254 -22.31 23.54 10.33
N PRO C 255 -23.32 24.17 9.73
CA PRO C 255 -23.55 25.59 9.98
C PRO C 255 -23.74 25.87 11.46
N GLY C 256 -23.23 27.02 11.89
CA GLY C 256 -23.23 27.38 13.29
C GLY C 256 -22.08 26.81 14.09
N ASP C 257 -21.71 25.56 13.85
CA ASP C 257 -20.53 24.99 14.49
C ASP C 257 -19.28 25.68 13.96
N ILE C 258 -18.23 25.65 14.76
CA ILE C 258 -16.97 26.32 14.43
C ILE C 258 -15.86 25.29 14.52
N LEU C 259 -15.19 25.03 13.40
CA LEU C 259 -14.06 24.13 13.41
C LEU C 259 -12.95 24.71 14.27
N LEU C 260 -12.37 23.86 15.13
CA LEU C 260 -11.21 24.21 15.92
C LEU C 260 -10.12 23.18 15.69
N ILE C 261 -8.88 23.64 15.53
CA ILE C 261 -7.76 22.75 15.27
C ILE C 261 -6.59 23.13 16.17
N ASN C 262 -5.92 22.12 16.70
CA ASN C 262 -4.71 22.30 17.49
C ASN C 262 -3.68 21.28 17.03
N SER C 263 -2.41 21.59 17.26
CA SER C 263 -1.35 20.69 16.82
C SER C 263 -0.10 20.95 17.66
N THR C 264 0.84 20.01 17.58
CA THR C 264 2.15 20.14 18.19
C THR C 264 3.26 19.70 17.25
N GLY C 265 2.92 19.06 16.14
CA GLY C 265 3.94 18.58 15.23
C GLY C 265 3.41 18.47 13.82
N ASN C 266 4.05 17.57 13.05
CA ASN C 266 3.75 17.44 11.63
C ASN C 266 2.28 17.21 11.39
N LEU C 267 1.62 18.16 10.73
CA LEU C 267 0.20 18.08 10.41
C LEU C 267 0.00 18.30 8.93
N ILE C 268 -0.89 17.52 8.33
CA ILE C 268 -1.27 17.71 6.93
C ILE C 268 -2.41 18.71 6.93
N ALA C 269 -2.06 20.00 6.86
CA ALA C 269 -3.05 21.04 7.07
C ALA C 269 -4.02 21.10 5.90
N PRO C 270 -5.32 21.07 6.15
CA PRO C 270 -6.30 21.17 5.05
C PRO C 270 -6.23 22.53 4.38
N ARG C 271 -6.62 22.55 3.10
CA ARG C 271 -6.59 23.78 2.33
C ARG C 271 -7.95 24.45 2.18
N GLY C 272 -9.03 23.71 2.34
CA GLY C 272 -10.35 24.28 2.22
C GLY C 272 -11.41 23.21 2.13
N TYR C 273 -12.65 23.64 2.33
CA TYR C 273 -13.76 22.70 2.43
C TYR C 273 -14.20 22.20 1.07
N PHE C 274 -14.88 21.06 1.07
CA PHE C 274 -15.65 20.58 -0.07
C PHE C 274 -17.13 20.63 0.28
N LYS C 275 -17.92 21.29 -0.57
CA LYS C 275 -19.34 21.40 -0.29
C LYS C 275 -20.00 20.03 -0.35
N ILE C 276 -21.16 19.91 0.30
CA ILE C 276 -21.98 18.70 0.24
C ILE C 276 -23.36 19.11 -0.25
N ARG C 277 -23.90 18.37 -1.21
CA ARG C 277 -25.20 18.65 -1.79
C ARG C 277 -26.10 17.44 -1.61
N SER C 278 -27.30 17.66 -1.08
CA SER C 278 -28.25 16.59 -0.83
C SER C 278 -28.55 15.81 -2.10
N LYS C 280 -29.59 12.60 -5.18
CA LYS C 280 -29.68 11.16 -5.08
C LYS C 280 -28.57 10.49 -5.88
N SER C 281 -27.43 11.16 -5.97
CA SER C 281 -26.29 10.59 -6.65
C SER C 281 -25.77 9.36 -5.90
N SER C 282 -25.00 8.56 -6.62
CA SER C 282 -24.41 7.34 -6.04
C SER C 282 -23.15 7.02 -6.82
N ILE C 283 -22.59 5.84 -6.58
CA ILE C 283 -21.37 5.40 -7.24
C ILE C 283 -21.51 3.93 -7.59
N MET C 284 -21.03 3.56 -8.77
CA MET C 284 -21.10 2.17 -9.23
C MET C 284 -19.75 1.78 -9.81
N ARG C 285 -19.25 0.61 -9.42
CA ARG C 285 -17.94 0.14 -9.84
C ARG C 285 -18.07 -0.77 -11.07
N SER C 286 -18.70 -0.23 -12.11
CA SER C 286 -18.84 -0.95 -13.37
C SER C 286 -17.59 -0.79 -14.22
N ASP C 287 -17.35 -1.78 -15.07
CA ASP C 287 -16.17 -1.80 -15.94
C ASP C 287 -16.53 -1.69 -17.41
N ALA C 288 -17.77 -1.34 -17.74
CA ALA C 288 -18.19 -1.30 -19.14
C ALA C 288 -17.44 -0.20 -19.89
N PRO C 289 -17.26 -0.36 -21.20
CA PRO C 289 -16.58 0.67 -21.98
C PRO C 289 -17.35 1.99 -21.95
N ILE C 290 -16.75 2.99 -22.59
CA ILE C 290 -17.29 4.34 -22.64
C ILE C 290 -17.81 4.61 -24.04
N GLY C 291 -19.04 5.10 -24.14
CA GLY C 291 -19.63 5.40 -25.43
C GLY C 291 -20.72 6.43 -25.30
N LYS C 292 -21.08 7.01 -26.44
CA LYS C 292 -22.11 8.04 -26.52
C LYS C 292 -23.40 7.38 -26.96
N CYS C 293 -24.38 7.30 -26.06
CA CYS C 293 -25.66 6.68 -26.36
C CYS C 293 -26.64 7.02 -25.25
N LYS C 294 -27.92 6.76 -25.51
CA LYS C 294 -28.97 6.95 -24.52
C LYS C 294 -29.23 5.64 -23.80
#